data_3QHD
#
_entry.id   3QHD
#
_cell.length_a   117.820
_cell.length_b   67.950
_cell.length_c   60.220
_cell.angle_alpha   90.000
_cell.angle_beta   96.300
_cell.angle_gamma   90.000
#
_symmetry.space_group_name_H-M   'C 1 2 1'
#
loop_
_entity.id
_entity.type
_entity.pdbx_description
1 polymer '2-C-methyl-D-erythritol 2,4-cyclodiphosphate synthase'
2 non-polymer 'ZINC ION'
3 non-polymer 'CHLORIDE ION'
4 non-polymer 4-AMINO-1-BETA-D-RIBOFURANOSYL-2(1H)-PYRIMIDINONE
5 non-polymer 4-(1H-IMIDAZOL-1-YL)PHENOL
6 non-polymer 2-(pyridin-3-yl)-1,3-thiazole-4-carbaldehyde
7 non-polymer 'POTASSIUM ION'
8 water water
#
_entity_poly.entity_id   1
_entity_poly.type   'polypeptide(L)'
_entity_poly.pdbx_seq_one_letter_code
;MAHHHHHHMGTLEAQTQGPGSMDFRIGQGYDVHQLVPGRPLIIGGVTIPYERGLLGHSDADVLLHAITDALFGAAALGDI
GRHFSDTDPRFKGADSRALLRECASRVAQAGFAIRNVDSTIIAQAPKLAPHIDAMRANIAADLDLPLDRVNVKAKTNEKL
GYLGRGEGIEAQAAALVVREAAA
;
_entity_poly.pdbx_strand_id   A,B,C
#
# COMPACT_ATOMS: atom_id res chain seq x y z
N MET A 22 8.94 -6.78 -21.53
CA MET A 22 8.53 -8.01 -20.76
C MET A 22 7.23 -7.87 -19.97
N ASP A 23 6.62 -9.01 -19.68
CA ASP A 23 5.26 -9.04 -19.19
C ASP A 23 5.24 -8.96 -17.66
N PHE A 24 5.55 -7.77 -17.17
CA PHE A 24 5.61 -7.50 -15.72
C PHE A 24 4.22 -7.30 -15.15
N ARG A 25 4.03 -7.66 -13.88
CA ARG A 25 2.77 -7.42 -13.19
C ARG A 25 3.06 -7.05 -11.76
N ILE A 26 2.22 -6.17 -11.21
CA ILE A 26 2.37 -5.82 -9.78
C ILE A 26 1.20 -6.30 -8.92
N GLY A 27 1.51 -6.59 -7.66
CA GLY A 27 0.46 -6.96 -6.71
C GLY A 27 0.65 -6.26 -5.40
N GLN A 28 -0.43 -6.16 -4.63
CA GLN A 28 -0.33 -5.52 -3.32
C GLN A 28 -1.13 -6.32 -2.32
N GLY A 29 -0.75 -6.25 -1.05
CA GLY A 29 -1.49 -6.99 -0.05
C GLY A 29 -1.60 -6.25 1.26
N TYR A 30 -2.64 -6.60 2.01
CA TYR A 30 -2.92 -5.99 3.32
C TYR A 30 -3.32 -7.10 4.29
N ASP A 31 -2.87 -7.02 5.54
CA ASP A 31 -3.46 -7.88 6.58
C ASP A 31 -3.40 -7.22 7.95
N VAL A 32 -4.31 -7.60 8.84
CA VAL A 32 -4.25 -7.14 10.23
C VAL A 32 -4.79 -8.25 11.13
N HIS A 33 -4.18 -8.44 12.30
CA HIS A 33 -4.73 -9.36 13.30
C HIS A 33 -4.67 -8.71 14.66
N GLN A 34 -5.62 -9.06 15.51
CA GLN A 34 -5.59 -8.64 16.92
C GLN A 34 -4.43 -9.28 17.65
N LEU A 35 -3.92 -8.54 18.63
CA LEU A 35 -2.85 -8.99 19.49
C LEU A 35 -3.51 -9.36 20.82
N VAL A 36 -3.34 -10.62 21.24
CA VAL A 36 -4.04 -11.16 22.41
C VAL A 36 -3.11 -12.00 23.26
N PRO A 37 -3.39 -12.12 24.58
CA PRO A 37 -2.55 -13.00 25.38
C PRO A 37 -2.75 -14.48 25.03
N GLY A 38 -1.76 -15.33 25.32
CA GLY A 38 -1.91 -16.77 25.16
C GLY A 38 -1.74 -17.35 23.77
N ARG A 39 -1.22 -16.53 22.85
CA ARG A 39 -0.84 -16.93 21.50
C ARG A 39 0.62 -16.62 21.26
N PRO A 40 1.32 -17.45 20.45
CA PRO A 40 2.66 -17.14 19.97
C PRO A 40 2.62 -15.91 19.08
N LEU A 41 3.64 -15.05 19.19
CA LEU A 41 3.78 -13.94 18.25
C LEU A 41 4.69 -14.44 17.13
N ILE A 42 4.10 -14.71 15.97
CA ILE A 42 4.83 -15.22 14.82
C ILE A 42 4.63 -14.25 13.65
N ILE A 43 5.72 -13.61 13.24
CA ILE A 43 5.68 -12.65 12.14
C ILE A 43 6.85 -12.94 11.21
N GLY A 44 6.55 -13.04 9.92
CA GLY A 44 7.58 -13.39 8.94
C GLY A 44 8.19 -14.74 9.24
N GLY A 45 7.40 -15.62 9.87
CA GLY A 45 7.86 -16.96 10.23
C GLY A 45 8.72 -17.01 11.49
N VAL A 46 8.96 -15.86 12.11
CA VAL A 46 9.82 -15.78 13.30
C VAL A 46 8.97 -15.73 14.56
N THR A 47 9.23 -16.67 15.47
CA THR A 47 8.61 -16.65 16.78
C THR A 47 9.36 -15.64 17.63
N ILE A 48 8.67 -14.56 17.99
CA ILE A 48 9.27 -13.45 18.73
C ILE A 48 8.83 -13.56 20.19
N PRO A 49 9.79 -13.53 21.14
CA PRO A 49 9.40 -13.56 22.53
C PRO A 49 8.49 -12.37 22.87
N TYR A 50 7.31 -12.65 23.38
CA TYR A 50 6.34 -11.60 23.71
C TYR A 50 5.19 -12.20 24.47
N GLU A 51 4.63 -11.42 25.42
CA GLU A 51 3.52 -11.86 26.27
C GLU A 51 2.18 -12.00 25.54
N ARG A 52 2.11 -11.49 24.31
CA ARG A 52 0.91 -11.61 23.49
C ARG A 52 1.27 -12.12 22.12
N GLY A 53 0.27 -12.52 21.36
CA GLY A 53 0.48 -13.06 20.03
C GLY A 53 -0.69 -12.72 19.13
N LEU A 54 -0.59 -13.06 17.85
CA LEU A 54 -1.64 -12.69 16.93
C LEU A 54 -2.76 -13.73 16.89
N LEU A 55 -3.98 -13.24 16.86
CA LEU A 55 -5.16 -14.10 16.87
C LEU A 55 -5.62 -14.39 15.46
N GLY A 56 -5.73 -15.68 15.16
CA GLY A 56 -6.21 -16.21 13.92
C GLY A 56 -6.49 -17.72 14.00
N HIS A 57 -7.14 -18.20 12.88
N HIS A 57 -7.13 -18.22 12.95
CA HIS A 57 -7.32 -19.66 12.82
CA HIS A 57 -7.22 -19.65 12.77
C HIS A 57 -6.01 -20.37 12.44
C HIS A 57 -5.94 -20.40 12.44
N SER A 58 -5.15 -19.77 11.57
CA SER A 58 -3.83 -20.30 11.29
C SER A 58 -2.90 -19.80 12.36
N ASP A 59 -1.62 -19.88 12.09
CA ASP A 59 -0.67 -19.25 13.03
C ASP A 59 -0.74 -17.70 13.02
N ALA A 60 -1.58 -17.13 12.14
CA ALA A 60 -1.91 -15.71 12.15
C ALA A 60 -0.75 -14.79 11.77
N ASP A 61 0.15 -15.28 10.92
CA ASP A 61 1.32 -14.53 10.53
C ASP A 61 0.95 -13.40 9.55
N VAL A 62 0.77 -12.21 10.11
CA VAL A 62 0.19 -11.08 9.37
C VAL A 62 1.08 -10.66 8.17
N LEU A 63 2.39 -10.74 8.36
CA LEU A 63 3.32 -10.35 7.28
C LEU A 63 3.26 -11.36 6.14
N LEU A 64 3.35 -12.65 6.45
CA LEU A 64 3.33 -13.66 5.36
C LEU A 64 1.99 -13.66 4.62
N HIS A 65 0.89 -13.45 5.34
CA HIS A 65 -0.41 -13.38 4.68
C HIS A 65 -0.47 -12.20 3.69
N ALA A 66 0.01 -11.04 4.12
CA ALA A 66 0.03 -9.86 3.22
C ALA A 66 0.86 -10.14 1.97
N ILE A 67 2.02 -10.77 2.16
CA ILE A 67 2.89 -11.08 1.03
C ILE A 67 2.19 -12.08 0.08
N THR A 68 1.52 -13.07 0.68
CA THR A 68 0.79 -14.12 -0.06
C THR A 68 -0.29 -13.47 -0.93
N ASP A 69 -1.04 -12.54 -0.36
CA ASP A 69 -2.07 -11.81 -1.10
C ASP A 69 -1.45 -10.98 -2.22
N ALA A 70 -0.32 -10.31 -1.96
CA ALA A 70 0.35 -9.53 -3.05
C ALA A 70 0.77 -10.44 -4.20
N LEU A 71 1.24 -11.65 -3.90
CA LEU A 71 1.68 -12.55 -4.97
C LEU A 71 0.50 -13.11 -5.76
N PHE A 72 -0.56 -13.55 -5.05
CA PHE A 72 -1.78 -13.97 -5.76
C PHE A 72 -2.34 -12.82 -6.60
N GLY A 73 -2.24 -11.59 -6.06
CA GLY A 73 -2.82 -10.46 -6.75
C GLY A 73 -2.05 -10.11 -8.01
N ALA A 74 -0.71 -10.18 -7.92
CA ALA A 74 0.15 -9.91 -9.11
C ALA A 74 -0.13 -10.93 -10.24
N ALA A 75 -0.42 -12.17 -9.86
CA ALA A 75 -0.69 -13.23 -10.84
C ALA A 75 -2.16 -13.29 -11.29
N ALA A 76 -2.98 -12.39 -10.75
CA ALA A 76 -4.45 -12.36 -10.93
C ALA A 76 -5.08 -13.70 -10.60
N LEU A 77 -4.64 -14.25 -9.48
CA LEU A 77 -5.16 -15.54 -9.03
C LEU A 77 -6.13 -15.44 -7.83
N GLY A 78 -6.72 -14.25 -7.62
CA GLY A 78 -7.68 -14.07 -6.52
C GLY A 78 -6.97 -13.66 -5.24
N ASP A 79 -7.27 -14.35 -4.15
CA ASP A 79 -6.71 -13.98 -2.85
C ASP A 79 -6.48 -15.22 -1.99
N ILE A 80 -5.91 -15.02 -0.80
CA ILE A 80 -5.51 -16.12 0.05
C ILE A 80 -6.69 -17.01 0.49
N GLY A 81 -7.88 -16.43 0.64
CA GLY A 81 -9.03 -17.20 1.11
C GLY A 81 -9.56 -18.11 0.03
N ARG A 82 -9.41 -17.69 -1.22
CA ARG A 82 -9.79 -18.53 -2.37
C ARG A 82 -8.91 -19.79 -2.41
N HIS A 83 -7.62 -19.60 -2.15
CA HIS A 83 -6.63 -20.65 -2.26
C HIS A 83 -6.51 -21.59 -1.09
N PHE A 84 -6.73 -21.07 0.12
CA PHE A 84 -6.54 -21.84 1.34
C PHE A 84 -7.78 -21.64 2.20
N SER A 85 -8.69 -22.59 2.09
CA SER A 85 -9.96 -22.53 2.80
C SER A 85 -9.78 -22.85 4.28
N ASP A 86 -10.36 -22.02 5.13
CA ASP A 86 -10.37 -22.32 6.56
C ASP A 86 -11.28 -23.50 6.92
N THR A 87 -11.89 -24.12 5.89
CA THR A 87 -12.62 -25.39 6.06
C THR A 87 -11.74 -26.65 5.90
N ASP A 88 -10.54 -26.47 5.35
CA ASP A 88 -9.56 -27.55 5.27
C ASP A 88 -9.06 -27.82 6.70
N PRO A 89 -9.10 -29.09 7.15
CA PRO A 89 -8.62 -29.41 8.49
C PRO A 89 -7.22 -28.86 8.75
N ARG A 90 -6.45 -28.70 7.68
CA ARG A 90 -5.05 -28.29 7.78
C ARG A 90 -4.91 -26.81 8.09
N PHE A 91 -5.98 -26.04 7.94
CA PHE A 91 -5.88 -24.61 8.17
C PHE A 91 -5.67 -24.27 9.64
N LYS A 92 -6.28 -25.06 10.54
CA LYS A 92 -6.14 -24.74 11.97
C LYS A 92 -4.68 -24.85 12.40
N GLY A 93 -4.12 -23.72 12.85
CA GLY A 93 -2.73 -23.66 13.28
C GLY A 93 -1.72 -23.75 12.14
N ALA A 94 -2.21 -23.54 10.91
CA ALA A 94 -1.37 -23.68 9.70
C ALA A 94 -0.12 -22.82 9.74
N ASP A 95 0.99 -23.43 9.34
CA ASP A 95 2.27 -22.73 9.16
C ASP A 95 2.13 -21.86 7.95
N SER A 96 2.12 -20.55 8.18
CA SER A 96 1.94 -19.62 7.07
C SER A 96 3.11 -19.62 6.10
N ARG A 97 4.26 -20.17 6.51
CA ARG A 97 5.33 -20.37 5.54
C ARG A 97 5.01 -21.48 4.57
N ALA A 98 4.37 -22.55 5.05
CA ALA A 98 3.92 -23.60 4.13
C ALA A 98 2.89 -23.01 3.14
N LEU A 99 2.01 -22.15 3.64
CA LEU A 99 1.05 -21.45 2.76
C LEU A 99 1.75 -20.56 1.74
N LEU A 100 2.76 -19.81 2.19
CA LEU A 100 3.51 -18.95 1.24
C LEU A 100 4.23 -19.79 0.18
N ARG A 101 4.82 -20.91 0.58
CA ARG A 101 5.49 -21.74 -0.43
C ARG A 101 4.52 -22.34 -1.45
N GLU A 102 3.33 -22.71 -1.00
CA GLU A 102 2.32 -23.24 -1.92
C GLU A 102 1.80 -22.12 -2.85
N CYS A 103 1.63 -20.94 -2.28
CA CYS A 103 1.30 -19.75 -3.09
C CYS A 103 2.35 -19.55 -4.19
N ALA A 104 3.62 -19.55 -3.81
CA ALA A 104 4.71 -19.41 -4.79
C ALA A 104 4.67 -20.50 -5.87
N SER A 105 4.38 -21.73 -5.44
CA SER A 105 4.23 -22.85 -6.36
C SER A 105 3.10 -22.58 -7.39
N ARG A 106 1.96 -22.09 -6.91
CA ARG A 106 0.83 -21.84 -7.82
C ARG A 106 1.14 -20.67 -8.76
N VAL A 107 1.79 -19.65 -8.23
CA VAL A 107 2.20 -18.49 -9.04
C VAL A 107 3.14 -18.94 -10.17
N ALA A 108 4.10 -19.80 -9.83
CA ALA A 108 5.01 -20.40 -10.84
C ALA A 108 4.22 -21.24 -11.83
N GLN A 109 3.26 -22.02 -11.35
CA GLN A 109 2.50 -22.89 -12.23
C GLN A 109 1.69 -22.06 -13.22
N ALA A 110 1.30 -20.86 -12.80
CA ALA A 110 0.55 -19.93 -13.63
C ALA A 110 1.47 -19.27 -14.67
N GLY A 111 2.78 -19.44 -14.52
CA GLY A 111 3.75 -18.98 -15.53
C GLY A 111 4.56 -17.75 -15.12
N PHE A 112 4.47 -17.38 -13.85
CA PHE A 112 5.16 -16.18 -13.36
C PHE A 112 6.41 -16.51 -12.54
N ALA A 113 7.43 -15.68 -12.72
CA ALA A 113 8.61 -15.66 -11.87
C ALA A 113 8.53 -14.42 -10.98
N ILE A 114 8.92 -14.59 -9.72
CA ILE A 114 8.87 -13.48 -8.76
C ILE A 114 10.15 -12.66 -8.90
N ARG A 115 10.01 -11.34 -9.03
CA ARG A 115 11.19 -10.45 -9.17
C ARG A 115 11.61 -9.76 -7.85
N ASN A 116 10.64 -9.28 -7.08
CA ASN A 116 10.96 -8.77 -5.73
C ASN A 116 9.74 -8.62 -4.86
N VAL A 117 10.00 -8.52 -3.56
N VAL A 117 9.95 -8.55 -3.55
CA VAL A 117 8.94 -8.27 -2.58
CA VAL A 117 8.88 -8.24 -2.63
C VAL A 117 9.41 -7.14 -1.68
C VAL A 117 9.36 -7.19 -1.64
N ASP A 118 8.48 -6.25 -1.34
CA ASP A 118 8.71 -5.23 -0.29
C ASP A 118 7.52 -5.27 0.67
N SER A 119 7.73 -4.84 1.91
CA SER A 119 6.70 -4.95 2.90
C SER A 119 6.94 -4.04 4.07
N THR A 120 5.87 -3.77 4.82
CA THR A 120 5.91 -2.98 6.06
C THR A 120 5.11 -3.68 7.15
N ILE A 121 5.67 -3.71 8.35
CA ILE A 121 4.90 -4.16 9.54
C ILE A 121 4.66 -2.93 10.39
N ILE A 122 3.43 -2.75 10.88
CA ILE A 122 3.16 -1.61 11.74
C ILE A 122 2.75 -2.15 13.10
N ALA A 123 3.55 -1.86 14.14
CA ALA A 123 3.34 -2.38 15.49
C ALA A 123 3.88 -1.40 16.52
N GLN A 124 3.10 -1.13 17.56
CA GLN A 124 3.58 -0.29 18.67
C GLN A 124 4.73 -1.03 19.40
N ALA A 125 4.58 -2.35 19.51
CA ALA A 125 5.46 -3.22 20.30
C ALA A 125 5.25 -4.66 19.80
N PRO A 126 6.23 -5.57 20.02
CA PRO A 126 7.55 -5.32 20.58
C PRO A 126 8.46 -4.71 19.51
N LYS A 127 9.71 -4.46 19.89
CA LYS A 127 10.71 -4.00 18.92
C LYS A 127 10.97 -5.11 17.93
N LEU A 128 10.80 -4.77 16.64
CA LEU A 128 10.93 -5.75 15.58
C LEU A 128 12.30 -5.79 14.95
N ALA A 129 13.06 -4.71 15.13
CA ALA A 129 14.41 -4.58 14.50
C ALA A 129 15.30 -5.82 14.60
N PRO A 130 15.39 -6.44 15.82
CA PRO A 130 16.28 -7.59 15.98
C PRO A 130 15.85 -8.84 15.20
N HIS A 131 14.62 -8.84 14.70
CA HIS A 131 14.03 -10.00 14.03
C HIS A 131 13.86 -9.86 12.55
N ILE A 132 14.03 -8.64 12.04
CA ILE A 132 13.72 -8.35 10.66
C ILE A 132 14.60 -9.13 9.67
N ASP A 133 15.90 -9.24 9.93
CA ASP A 133 16.76 -9.97 8.97
C ASP A 133 16.35 -11.44 8.88
N ALA A 134 15.99 -12.02 10.03
CA ALA A 134 15.49 -13.40 10.03
C ALA A 134 14.19 -13.57 9.23
N MET A 135 13.28 -12.60 9.33
CA MET A 135 12.04 -12.60 8.51
C MET A 135 12.38 -12.56 7.03
N ARG A 136 13.27 -11.64 6.67
CA ARG A 136 13.71 -11.51 5.29
C ARG A 136 14.29 -12.82 4.76
N ALA A 137 15.15 -13.48 5.56
CA ALA A 137 15.70 -14.78 5.17
C ALA A 137 14.62 -15.86 5.00
N ASN A 138 13.61 -15.86 5.86
CA ASN A 138 12.55 -16.84 5.70
C ASN A 138 11.77 -16.64 4.42
N ILE A 139 11.44 -15.38 4.14
CA ILE A 139 10.65 -15.05 2.94
C ILE A 139 11.48 -15.40 1.71
N ALA A 140 12.76 -15.02 1.72
CA ALA A 140 13.64 -15.36 0.60
C ALA A 140 13.74 -16.87 0.33
N ALA A 141 13.89 -17.64 1.39
CA ALA A 141 13.91 -19.10 1.27
C ALA A 141 12.61 -19.64 0.67
N ASP A 142 11.48 -19.16 1.19
CA ASP A 142 10.16 -19.64 0.78
C ASP A 142 9.88 -19.31 -0.68
N LEU A 143 10.39 -18.19 -1.15
CA LEU A 143 10.13 -17.75 -2.52
C LEU A 143 11.26 -18.09 -3.50
N ASP A 144 12.27 -18.82 -3.00
CA ASP A 144 13.49 -19.11 -3.77
C ASP A 144 14.08 -17.86 -4.41
N LEU A 145 14.20 -16.81 -3.59
CA LEU A 145 14.83 -15.56 -4.01
C LEU A 145 16.12 -15.34 -3.23
N PRO A 146 17.08 -14.62 -3.84
CA PRO A 146 18.19 -14.13 -3.01
C PRO A 146 17.71 -13.06 -2.04
N LEU A 147 18.47 -12.86 -0.97
CA LEU A 147 18.11 -11.86 0.03
C LEU A 147 17.90 -10.46 -0.54
N ASP A 148 18.69 -10.11 -1.55
CA ASP A 148 18.69 -8.78 -2.14
CA ASP A 148 18.67 -8.76 -2.10
C ASP A 148 17.45 -8.47 -2.99
N ARG A 149 16.51 -9.42 -3.05
CA ARG A 149 15.21 -9.17 -3.72
C ARG A 149 14.05 -9.18 -2.75
N VAL A 150 14.37 -9.21 -1.45
CA VAL A 150 13.33 -9.23 -0.42
C VAL A 150 13.57 -8.13 0.60
N ASN A 151 12.52 -7.40 0.97
CA ASN A 151 12.68 -6.32 1.96
C ASN A 151 11.51 -6.30 2.92
N VAL A 152 11.85 -6.06 4.20
CA VAL A 152 10.86 -5.94 5.27
C VAL A 152 11.20 -4.69 6.06
N LYS A 153 10.19 -3.82 6.21
CA LYS A 153 10.32 -2.55 6.92
C LYS A 153 9.37 -2.56 8.12
N ALA A 154 9.74 -1.83 9.17
CA ALA A 154 8.84 -1.73 10.32
C ALA A 154 8.57 -0.29 10.68
N LYS A 155 7.37 -0.05 11.22
CA LYS A 155 6.93 1.27 11.58
C LYS A 155 6.18 1.14 12.90
N THR A 156 6.22 2.19 13.72
CA THR A 156 5.17 2.30 14.72
C THR A 156 4.07 3.11 14.02
N ASN A 157 2.95 3.24 14.66
CA ASN A 157 1.91 4.11 14.12
C ASN A 157 1.87 5.48 14.80
N GLU A 158 3.00 5.86 15.41
CA GLU A 158 3.17 7.16 16.08
C GLU A 158 2.03 7.40 17.07
N LYS A 159 1.68 6.32 17.76
CA LYS A 159 0.73 6.35 18.87
C LYS A 159 -0.75 6.48 18.47
N LEU A 160 -1.04 6.43 17.18
CA LEU A 160 -2.39 6.71 16.69
C LEU A 160 -3.22 5.44 16.52
N GLY A 161 -4.46 5.51 17.00
CA GLY A 161 -5.47 4.51 16.63
C GLY A 161 -5.29 3.19 17.34
N TYR A 162 -6.03 2.17 16.89
CA TYR A 162 -5.95 0.85 17.50
C TYR A 162 -4.53 0.25 17.36
N LEU A 163 -3.79 0.63 16.31
CA LEU A 163 -2.40 0.18 16.19
C LEU A 163 -1.54 0.83 17.26
N GLY A 164 -1.72 2.15 17.46
CA GLY A 164 -1.03 2.87 18.55
C GLY A 164 -1.31 2.37 19.95
N ARG A 165 -2.53 1.84 20.14
CA ARG A 165 -2.97 1.27 21.42
C ARG A 165 -2.53 -0.19 21.58
N GLY A 166 -1.85 -0.71 20.58
CA GLY A 166 -1.32 -2.07 20.58
C GLY A 166 -2.37 -3.16 20.55
N GLU A 167 -3.50 -2.87 19.92
CA GLU A 167 -4.62 -3.81 19.86
C GLU A 167 -4.47 -4.83 18.73
N GLY A 168 -3.61 -4.51 17.77
CA GLY A 168 -3.39 -5.38 16.61
C GLY A 168 -2.08 -4.99 15.95
N ILE A 169 -1.65 -5.81 15.00
CA ILE A 169 -0.50 -5.52 14.15
C ILE A 169 -0.94 -5.60 12.70
N GLU A 170 -0.47 -4.65 11.90
CA GLU A 170 -0.79 -4.60 10.47
C GLU A 170 0.43 -4.94 9.62
N ALA A 171 0.21 -5.53 8.44
CA ALA A 171 1.27 -5.67 7.44
C ALA A 171 0.78 -5.22 6.05
N GLN A 172 1.70 -4.64 5.27
CA GLN A 172 1.42 -4.22 3.90
C GLN A 172 2.50 -4.87 3.06
N ALA A 173 2.17 -5.23 1.81
CA ALA A 173 3.17 -5.84 0.89
C ALA A 173 2.96 -5.40 -0.53
N ALA A 174 4.05 -5.41 -1.30
CA ALA A 174 4.04 -5.18 -2.75
C ALA A 174 4.92 -6.27 -3.37
N ALA A 175 4.49 -6.79 -4.51
CA ALA A 175 5.30 -7.79 -5.23
C ALA A 175 5.33 -7.46 -6.71
N LEU A 176 6.48 -7.69 -7.34
CA LEU A 176 6.61 -7.61 -8.78
C LEU A 176 6.91 -9.00 -9.33
N VAL A 177 6.18 -9.42 -10.37
CA VAL A 177 6.41 -10.70 -11.01
C VAL A 177 6.54 -10.46 -12.52
N VAL A 178 6.99 -11.47 -13.26
CA VAL A 178 7.02 -11.37 -14.70
C VAL A 178 6.53 -12.70 -15.27
N ARG A 179 5.62 -12.62 -16.26
CA ARG A 179 5.12 -13.85 -16.88
C ARG A 179 6.08 -14.26 -17.95
N GLU A 180 6.69 -15.43 -17.75
CA GLU A 180 7.66 -16.01 -18.68
C GLU A 180 6.95 -16.63 -19.86
N MET B 22 11.14 -1.64 -21.02
CA MET B 22 10.94 -0.26 -21.48
C MET B 22 10.47 0.69 -20.35
N ASP B 23 9.50 1.57 -20.65
CA ASP B 23 9.16 2.71 -19.79
C ASP B 23 7.95 2.45 -18.90
N PHE B 24 8.16 1.56 -17.94
CA PHE B 24 7.15 1.16 -16.97
C PHE B 24 6.99 2.19 -15.87
N ARG B 25 5.77 2.32 -15.35
CA ARG B 25 5.50 3.19 -14.21
C ARG B 25 4.49 2.52 -13.31
N ILE B 26 4.62 2.75 -12.01
CA ILE B 26 3.64 2.24 -11.05
C ILE B 26 2.78 3.33 -10.45
N GLY B 27 1.55 2.96 -10.11
CA GLY B 27 0.64 3.85 -9.41
C GLY B 27 -0.04 3.12 -8.27
N GLN B 28 -0.50 3.89 -7.29
CA GLN B 28 -1.17 3.33 -6.14
C GLN B 28 -2.36 4.20 -5.78
N GLY B 29 -3.38 3.57 -5.18
CA GLY B 29 -4.63 4.27 -4.88
C GLY B 29 -5.24 3.85 -3.53
N TYR B 30 -5.92 4.80 -2.91
CA TYR B 30 -6.62 4.65 -1.62
C TYR B 30 -7.97 5.32 -1.68
N ASP B 31 -8.98 4.67 -1.11
CA ASP B 31 -10.24 5.36 -0.88
C ASP B 31 -10.97 4.77 0.32
N VAL B 32 -11.88 5.55 0.92
CA VAL B 32 -12.70 5.10 2.02
C VAL B 32 -14.01 5.89 2.00
N HIS B 33 -15.11 5.21 2.30
CA HIS B 33 -16.41 5.86 2.47
C HIS B 33 -17.12 5.31 3.70
N GLN B 34 -17.94 6.15 4.34
CA GLN B 34 -18.78 5.71 5.49
C GLN B 34 -19.89 4.74 5.06
N LEU B 35 -20.23 3.81 5.95
CA LEU B 35 -21.23 2.78 5.69
C LEU B 35 -22.42 3.03 6.63
N VAL B 36 -23.53 3.49 6.06
CA VAL B 36 -24.72 3.85 6.83
C VAL B 36 -26.02 3.35 6.17
N PRO B 37 -27.11 3.21 6.96
CA PRO B 37 -28.38 2.88 6.35
C PRO B 37 -28.84 3.95 5.36
N GLY B 38 -29.52 3.52 4.30
CA GLY B 38 -30.24 4.44 3.42
C GLY B 38 -29.74 4.58 2.00
N ARG B 39 -28.59 3.94 1.71
CA ARG B 39 -27.95 3.98 0.40
C ARG B 39 -27.65 2.57 -0.10
N PRO B 40 -27.63 2.36 -1.43
CA PRO B 40 -27.25 1.04 -1.91
C PRO B 40 -25.73 0.79 -1.78
N LEU B 41 -25.36 -0.47 -1.59
CA LEU B 41 -23.96 -0.85 -1.54
C LEU B 41 -23.48 -1.22 -2.93
N ILE B 42 -22.66 -0.37 -3.52
CA ILE B 42 -22.08 -0.61 -4.85
C ILE B 42 -20.57 -0.60 -4.78
N ILE B 43 -19.97 -1.72 -5.16
CA ILE B 43 -18.52 -1.88 -5.12
C ILE B 43 -18.08 -2.55 -6.41
N GLY B 44 -17.12 -1.95 -7.10
CA GLY B 44 -16.65 -2.43 -8.41
C GLY B 44 -17.80 -2.57 -9.40
N GLY B 45 -18.73 -1.62 -9.37
CA GLY B 45 -19.91 -1.68 -10.25
C GLY B 45 -21.04 -2.64 -9.89
N VAL B 46 -20.87 -3.41 -8.81
CA VAL B 46 -21.82 -4.44 -8.40
C VAL B 46 -22.69 -4.01 -7.22
N THR B 47 -24.00 -4.04 -7.41
CA THR B 47 -24.91 -3.80 -6.31
C THR B 47 -25.04 -5.05 -5.45
N ILE B 48 -24.61 -4.92 -4.21
CA ILE B 48 -24.56 -6.04 -3.28
C ILE B 48 -25.60 -5.83 -2.19
N PRO B 49 -26.41 -6.87 -1.91
CA PRO B 49 -27.45 -6.76 -0.89
C PRO B 49 -26.87 -6.59 0.51
N TYR B 50 -27.34 -5.56 1.20
CA TYR B 50 -26.87 -5.24 2.53
C TYR B 50 -27.77 -4.12 3.09
N GLU B 51 -27.94 -4.11 4.41
CA GLU B 51 -28.85 -3.16 5.05
C GLU B 51 -28.33 -1.72 4.95
N ARG B 52 -27.06 -1.59 4.60
CA ARG B 52 -26.39 -0.29 4.56
C ARG B 52 -25.63 -0.07 3.26
N GLY B 53 -25.25 1.18 2.98
CA GLY B 53 -24.57 1.53 1.74
C GLY B 53 -23.53 2.63 1.92
N LEU B 54 -22.73 2.87 0.89
CA LEU B 54 -21.64 3.84 1.00
C LEU B 54 -22.08 5.28 0.71
N LEU B 55 -21.61 6.21 1.52
CA LEU B 55 -21.99 7.62 1.44
C LEU B 55 -20.93 8.41 0.67
N GLY B 56 -21.38 9.16 -0.33
CA GLY B 56 -20.46 9.91 -1.21
C GLY B 56 -21.18 10.66 -2.32
N HIS B 57 -20.42 11.25 -3.25
CA HIS B 57 -21.02 12.05 -4.28
C HIS B 57 -21.94 11.35 -5.29
N SER B 58 -21.55 10.21 -5.83
CA SER B 58 -22.46 9.52 -6.70
C SER B 58 -22.92 8.19 -6.33
N ASP B 59 -22.16 7.22 -6.83
CA ASP B 59 -22.26 5.82 -6.46
C ASP B 59 -21.40 5.53 -5.23
N ALA B 60 -20.41 6.36 -4.98
CA ALA B 60 -19.53 6.13 -3.86
C ALA B 60 -18.77 4.79 -4.00
N ASP B 61 -18.37 4.46 -5.20
CA ASP B 61 -17.83 3.12 -5.45
C ASP B 61 -16.34 3.15 -5.10
N VAL B 62 -16.09 2.80 -3.88
CA VAL B 62 -14.79 2.96 -3.24
C VAL B 62 -13.69 2.21 -4.01
N LEU B 63 -14.04 1.06 -4.60
CA LEU B 63 -13.07 0.28 -5.36
C LEU B 63 -12.67 0.96 -6.67
N LEU B 64 -13.68 1.39 -7.43
CA LEU B 64 -13.40 2.09 -8.69
C LEU B 64 -12.62 3.39 -8.47
N HIS B 65 -12.94 4.15 -7.43
CA HIS B 65 -12.17 5.35 -7.09
C HIS B 65 -10.68 5.05 -6.83
N ALA B 66 -10.39 4.05 -6.00
CA ALA B 66 -9.01 3.68 -5.72
C ALA B 66 -8.26 3.30 -6.99
N ILE B 67 -8.90 2.51 -7.84
CA ILE B 67 -8.29 2.10 -9.11
C ILE B 67 -8.02 3.30 -10.03
N THR B 68 -9.00 4.21 -10.14
CA THR B 68 -8.86 5.44 -10.92
C THR B 68 -7.64 6.25 -10.44
N ASP B 69 -7.53 6.42 -9.13
CA ASP B 69 -6.38 7.11 -8.53
C ASP B 69 -5.05 6.44 -8.86
N ALA B 70 -5.00 5.10 -8.76
CA ALA B 70 -3.77 4.37 -9.09
C ALA B 70 -3.38 4.61 -10.56
N LEU B 71 -4.35 4.65 -11.46
CA LEU B 71 -4.06 4.89 -12.88
C LEU B 71 -3.56 6.31 -13.17
N PHE B 72 -4.24 7.31 -12.61
CA PHE B 72 -3.77 8.69 -12.75
C PHE B 72 -2.36 8.83 -12.16
N GLY B 73 -2.11 8.14 -11.05
CA GLY B 73 -0.83 8.20 -10.39
C GLY B 73 0.31 7.59 -11.21
N ALA B 74 0.05 6.42 -11.80
CA ALA B 74 1.04 5.78 -12.67
C ALA B 74 1.38 6.71 -13.86
N ALA B 75 0.38 7.44 -14.35
CA ALA B 75 0.59 8.34 -15.47
C ALA B 75 1.14 9.72 -15.06
N ALA B 76 1.26 9.95 -13.75
CA ALA B 76 1.65 11.25 -13.17
C ALA B 76 0.75 12.39 -13.66
N LEU B 77 -0.55 12.13 -13.61
CA LEU B 77 -1.57 13.07 -14.04
C LEU B 77 -2.37 13.67 -12.89
N GLY B 78 -1.78 13.69 -11.70
CA GLY B 78 -2.46 14.22 -10.51
C GLY B 78 -3.35 13.18 -9.85
N ASP B 79 -4.60 13.55 -9.59
CA ASP B 79 -5.54 12.64 -8.95
C ASP B 79 -6.97 12.78 -9.45
N ILE B 80 -7.83 11.89 -8.97
CA ILE B 80 -9.23 11.84 -9.42
C ILE B 80 -10.00 13.18 -9.25
N GLY B 81 -9.74 13.88 -8.14
CA GLY B 81 -10.42 15.15 -7.87
C GLY B 81 -9.97 16.28 -8.77
N ARG B 82 -8.73 16.21 -9.24
CA ARG B 82 -8.22 17.22 -10.16
C ARG B 82 -8.84 17.07 -11.55
N HIS B 83 -9.16 15.83 -11.93
CA HIS B 83 -9.84 15.59 -13.21
C HIS B 83 -11.36 15.71 -13.13
N PHE B 84 -11.96 15.14 -12.09
CA PHE B 84 -13.42 15.09 -11.98
C PHE B 84 -13.92 15.83 -10.75
N SER B 85 -14.21 17.12 -10.92
CA SER B 85 -14.55 18.02 -9.80
C SER B 85 -15.79 17.58 -9.00
N ALA B 94 -22.68 11.46 -13.53
CA ALA B 94 -21.74 10.44 -14.00
C ALA B 94 -21.37 9.46 -12.89
N ASP B 95 -21.52 8.16 -13.17
CA ASP B 95 -21.13 7.14 -12.19
C ASP B 95 -19.65 6.74 -12.33
N SER B 96 -19.16 6.01 -11.34
CA SER B 96 -17.72 5.73 -11.22
C SER B 96 -17.14 4.89 -12.36
N ARG B 97 -17.99 4.14 -13.07
CA ARG B 97 -17.54 3.42 -14.25
C ARG B 97 -17.24 4.35 -15.43
N ALA B 98 -18.10 5.36 -15.66
CA ALA B 98 -17.82 6.36 -16.69
C ALA B 98 -16.54 7.14 -16.37
N LEU B 99 -16.38 7.51 -15.10
CA LEU B 99 -15.15 8.13 -14.61
C LEU B 99 -13.93 7.27 -14.87
N LEU B 100 -14.07 5.96 -14.61
CA LEU B 100 -12.98 5.03 -14.84
C LEU B 100 -12.61 4.96 -16.32
N ARG B 101 -13.62 4.87 -17.18
CA ARG B 101 -13.40 4.87 -18.63
C ARG B 101 -12.72 6.16 -19.13
N GLU B 102 -13.14 7.31 -18.59
CA GLU B 102 -12.52 8.59 -18.97
C GLU B 102 -11.06 8.68 -18.50
N CYS B 103 -10.82 8.21 -17.28
CA CYS B 103 -9.46 8.07 -16.75
C CYS B 103 -8.60 7.30 -17.74
N ALA B 104 -9.09 6.13 -18.16
CA ALA B 104 -8.33 5.26 -19.06
C ALA B 104 -8.00 5.93 -20.39
N SER B 105 -8.92 6.75 -20.90
CA SER B 105 -8.67 7.49 -22.14
C SER B 105 -7.56 8.52 -21.97
N ARG B 106 -7.54 9.17 -20.82
CA ARG B 106 -6.53 10.18 -20.50
C ARG B 106 -5.14 9.57 -20.35
N VAL B 107 -5.09 8.39 -19.73
CA VAL B 107 -3.86 7.62 -19.55
C VAL B 107 -3.33 7.21 -20.93
N ALA B 108 -4.22 6.73 -21.78
CA ALA B 108 -3.88 6.41 -23.17
C ALA B 108 -3.28 7.61 -23.93
N GLN B 109 -3.89 8.79 -23.79
CA GLN B 109 -3.44 9.95 -24.59
C GLN B 109 -2.12 10.50 -24.10
N ALA B 110 -1.84 10.29 -22.81
CA ALA B 110 -0.56 10.66 -22.21
C ALA B 110 0.54 9.71 -22.66
N GLY B 111 0.15 8.64 -23.36
CA GLY B 111 1.10 7.76 -24.00
C GLY B 111 1.28 6.42 -23.32
N PHE B 112 0.40 6.09 -22.38
CA PHE B 112 0.54 4.88 -21.56
C PHE B 112 -0.46 3.76 -21.88
N ALA B 113 0.02 2.52 -21.85
CA ALA B 113 -0.81 1.33 -21.96
C ALA B 113 -0.89 0.68 -20.59
N ILE B 114 -2.09 0.27 -20.16
CA ILE B 114 -2.25 -0.42 -18.85
C ILE B 114 -1.82 -1.88 -18.94
N ARG B 115 -1.00 -2.30 -17.98
CA ARG B 115 -0.45 -3.66 -17.97
C ARG B 115 -1.20 -4.55 -16.99
N ASN B 116 -1.47 -4.06 -15.77
CA ASN B 116 -2.32 -4.81 -14.83
C ASN B 116 -2.81 -3.95 -13.66
N VAL B 117 -3.86 -4.43 -12.99
CA VAL B 117 -4.41 -3.78 -11.80
C VAL B 117 -4.64 -4.84 -10.74
N ASP B 118 -4.28 -4.54 -9.49
CA ASP B 118 -4.60 -5.41 -8.39
C ASP B 118 -5.21 -4.52 -7.32
N SER B 119 -5.99 -5.09 -6.42
CA SER B 119 -6.72 -4.28 -5.44
C SER B 119 -7.19 -5.11 -4.26
N THR B 120 -7.52 -4.42 -3.15
CA THR B 120 -8.09 -5.05 -1.95
C THR B 120 -9.24 -4.19 -1.46
N ILE B 121 -10.36 -4.85 -1.16
CA ILE B 121 -11.47 -4.23 -0.45
C ILE B 121 -11.44 -4.68 1.00
N ILE B 122 -11.45 -3.72 1.93
CA ILE B 122 -11.53 -4.08 3.33
C ILE B 122 -12.93 -3.78 3.83
N ALA B 123 -13.69 -4.83 4.11
CA ALA B 123 -15.05 -4.71 4.63
C ALA B 123 -15.29 -5.84 5.61
N GLN B 124 -15.77 -5.50 6.82
CA GLN B 124 -16.02 -6.55 7.79
C GLN B 124 -17.19 -7.43 7.32
N ALA B 125 -18.14 -6.79 6.63
CA ALA B 125 -19.31 -7.43 6.08
C ALA B 125 -19.83 -6.54 4.94
N PRO B 126 -20.59 -7.10 4.00
CA PRO B 126 -21.00 -8.51 3.82
C PRO B 126 -19.91 -9.30 3.10
N LYS B 127 -20.19 -10.57 2.80
CA LYS B 127 -19.26 -11.43 2.05
C LYS B 127 -19.16 -10.94 0.60
N LEU B 128 -17.94 -10.70 0.14
CA LEU B 128 -17.70 -10.14 -1.19
C LEU B 128 -17.27 -11.21 -2.18
N ALA B 129 -16.76 -12.32 -1.66
CA ALA B 129 -16.22 -13.38 -2.53
C ALA B 129 -17.18 -13.76 -3.66
N PRO B 130 -18.50 -13.91 -3.36
CA PRO B 130 -19.42 -14.32 -4.42
C PRO B 130 -19.42 -13.39 -5.63
N HIS B 131 -19.11 -12.12 -5.40
CA HIS B 131 -19.24 -11.05 -6.39
C HIS B 131 -17.95 -10.64 -7.10
N ILE B 132 -16.84 -11.30 -6.76
CA ILE B 132 -15.52 -10.89 -7.27
C ILE B 132 -15.40 -10.96 -8.81
N ASP B 133 -15.89 -12.03 -9.39
CA ASP B 133 -15.78 -12.17 -10.86
C ASP B 133 -16.58 -11.08 -11.60
N ALA B 134 -17.72 -10.68 -11.05
CA ALA B 134 -18.51 -9.59 -11.62
C ALA B 134 -17.73 -8.27 -11.56
N MET B 135 -17.08 -7.98 -10.43
CA MET B 135 -16.28 -6.77 -10.30
C MET B 135 -15.14 -6.78 -11.30
N ARG B 136 -14.44 -7.90 -11.37
CA ARG B 136 -13.33 -8.09 -12.30
C ARG B 136 -13.77 -7.86 -13.73
N ALA B 137 -14.90 -8.45 -14.11
CA ALA B 137 -15.44 -8.27 -15.46
C ALA B 137 -15.77 -6.80 -15.75
N ASN B 138 -16.34 -6.11 -14.77
CA ASN B 138 -16.68 -4.69 -14.96
C ASN B 138 -15.42 -3.84 -15.19
N ILE B 139 -14.42 -4.06 -14.34
CA ILE B 139 -13.17 -3.29 -14.40
C ILE B 139 -12.43 -3.55 -15.70
N ALA B 140 -12.30 -4.83 -16.06
CA ALA B 140 -11.62 -5.22 -17.30
C ALA B 140 -12.28 -4.62 -18.54
N ALA B 141 -13.62 -4.63 -18.54
CA ALA B 141 -14.38 -4.01 -19.63
C ALA B 141 -14.09 -2.51 -19.70
N ASP B 142 -14.13 -1.84 -18.55
CA ASP B 142 -13.90 -0.40 -18.52
C ASP B 142 -12.47 -0.02 -18.92
N LEU B 143 -11.51 -0.88 -18.61
CA LEU B 143 -10.11 -0.60 -18.95
C LEU B 143 -9.63 -1.21 -20.28
N ASP B 144 -10.50 -1.92 -20.98
CA ASP B 144 -10.12 -2.66 -22.21
C ASP B 144 -8.89 -3.55 -21.98
N LEU B 145 -8.95 -4.31 -20.89
CA LEU B 145 -7.87 -5.23 -20.52
C LEU B 145 -8.35 -6.68 -20.54
N PRO B 146 -7.45 -7.63 -20.87
CA PRO B 146 -7.78 -9.04 -20.65
C PRO B 146 -8.12 -9.30 -19.18
N LEU B 147 -9.06 -10.21 -18.97
CA LEU B 147 -9.53 -10.49 -17.62
C LEU B 147 -8.38 -10.88 -16.70
N ASP B 148 -7.38 -11.56 -17.26
CA ASP B 148 -6.26 -12.06 -16.44
C ASP B 148 -5.25 -10.99 -16.05
N ARG B 149 -5.58 -9.74 -16.32
CA ARG B 149 -4.70 -8.63 -15.90
C ARG B 149 -5.41 -7.77 -14.86
N VAL B 150 -6.54 -8.25 -14.34
CA VAL B 150 -7.34 -7.53 -13.34
C VAL B 150 -7.62 -8.41 -12.13
N ASN B 151 -7.29 -7.95 -10.93
CA ASN B 151 -7.55 -8.75 -9.75
C ASN B 151 -8.16 -7.91 -8.64
N VAL B 152 -9.08 -8.53 -7.88
CA VAL B 152 -9.73 -7.91 -6.72
C VAL B 152 -9.69 -8.91 -5.56
N LYS B 153 -9.23 -8.44 -4.40
CA LYS B 153 -9.16 -9.27 -3.20
C LYS B 153 -10.02 -8.65 -2.13
N ALA B 154 -10.46 -9.46 -1.18
CA ALA B 154 -11.31 -8.96 -0.09
C ALA B 154 -10.71 -9.33 1.26
N LYS B 155 -10.81 -8.42 2.22
CA LYS B 155 -10.27 -8.62 3.57
C LYS B 155 -11.28 -8.13 4.60
N THR B 156 -11.35 -8.78 5.77
CA THR B 156 -11.98 -8.10 6.93
C THR B 156 -10.91 -7.32 7.69
N ASN B 157 -11.34 -6.51 8.67
CA ASN B 157 -10.36 -5.83 9.54
C ASN B 157 -10.23 -6.47 10.90
N GLU B 158 -10.61 -7.74 11.00
CA GLU B 158 -10.54 -8.51 12.23
C GLU B 158 -11.16 -7.74 13.39
N LYS B 159 -12.28 -7.08 13.07
CA LYS B 159 -13.09 -6.36 14.06
C LYS B 159 -12.41 -5.13 14.69
N LEU B 160 -11.30 -4.68 14.12
CA LEU B 160 -10.54 -3.54 14.65
C LEU B 160 -10.93 -2.23 13.97
N GLY B 161 -11.08 -1.15 14.74
CA GLY B 161 -11.27 0.17 14.15
C GLY B 161 -12.63 0.39 13.52
N TYR B 162 -12.78 1.56 12.87
CA TYR B 162 -14.04 1.87 12.18
C TYR B 162 -14.39 0.84 11.09
N LEU B 163 -13.37 0.32 10.39
CA LEU B 163 -13.60 -0.75 9.42
C LEU B 163 -14.16 -2.01 10.09
N GLY B 164 -13.55 -2.42 11.20
CA GLY B 164 -13.94 -3.65 11.89
C GLY B 164 -15.29 -3.57 12.58
N ARG B 165 -15.73 -2.34 12.84
CA ARG B 165 -17.03 -2.10 13.44
C ARG B 165 -18.10 -1.86 12.38
N GLY B 166 -17.70 -1.95 11.12
CA GLY B 166 -18.63 -1.85 9.98
C GLY B 166 -19.10 -0.43 9.71
N GLU B 167 -18.27 0.54 10.07
CA GLU B 167 -18.64 1.95 9.98
C GLU B 167 -18.22 2.58 8.64
N GLY B 168 -17.43 1.81 7.88
CA GLY B 168 -16.90 2.25 6.59
C GLY B 168 -16.28 1.08 5.84
N ILE B 169 -15.96 1.30 4.58
CA ILE B 169 -15.25 0.30 3.75
C ILE B 169 -14.10 1.03 3.06
N GLU B 170 -12.93 0.38 3.00
CA GLU B 170 -11.74 0.94 2.36
C GLU B 170 -11.42 0.13 1.10
N ALA B 171 -10.82 0.77 0.11
CA ALA B 171 -10.18 0.05 -1.01
C ALA B 171 -8.76 0.53 -1.24
N GLN B 172 -7.88 -0.42 -1.62
CA GLN B 172 -6.52 -0.11 -1.99
C GLN B 172 -6.32 -0.63 -3.42
N ALA B 173 -5.52 0.06 -4.24
CA ALA B 173 -5.26 -0.38 -5.60
C ALA B 173 -3.80 -0.15 -6.02
N ALA B 174 -3.31 -1.00 -6.89
CA ALA B 174 -1.98 -0.84 -7.51
C ALA B 174 -2.16 -1.02 -9.02
N ALA B 175 -1.49 -0.18 -9.83
CA ALA B 175 -1.56 -0.30 -11.27
C ALA B 175 -0.18 -0.19 -11.88
N LEU B 176 0.10 -1.00 -12.90
CA LEU B 176 1.32 -0.91 -13.65
C LEU B 176 0.96 -0.51 -15.07
N VAL B 177 1.67 0.48 -15.59
CA VAL B 177 1.49 0.96 -16.97
C VAL B 177 2.85 1.03 -17.67
N VAL B 178 2.82 1.18 -19.00
CA VAL B 178 4.04 1.35 -19.79
C VAL B 178 3.83 2.42 -20.85
N ARG B 179 4.79 3.33 -20.99
CA ARG B 179 4.70 4.37 -22.02
C ARG B 179 4.96 3.73 -23.36
N GLU B 180 3.95 3.77 -24.24
CA GLU B 180 4.02 3.13 -25.55
C GLU B 180 3.57 4.10 -26.65
N MET C 22 14.62 -6.38 -18.23
CA MET C 22 15.35 -5.42 -17.36
C MET C 22 15.02 -5.70 -15.88
N ASP C 23 15.95 -5.34 -15.01
CA ASP C 23 15.83 -5.70 -13.58
C ASP C 23 15.04 -4.65 -12.79
N PHE C 24 13.73 -4.63 -12.98
CA PHE C 24 12.85 -3.71 -12.26
C PHE C 24 12.55 -4.21 -10.84
N ARG C 25 12.32 -3.27 -9.92
CA ARG C 25 11.91 -3.60 -8.55
C ARG C 25 10.87 -2.61 -8.09
N ILE C 26 9.92 -3.07 -7.27
CA ILE C 26 8.95 -2.14 -6.69
C ILE C 26 9.11 -1.97 -5.19
N GLY C 27 8.77 -0.77 -4.70
CA GLY C 27 8.83 -0.50 -3.27
C GLY C 27 7.55 0.18 -2.83
N GLN C 28 7.20 0.00 -1.54
CA GLN C 28 6.00 0.67 -1.01
C GLN C 28 6.34 1.27 0.34
N GLY C 29 5.75 2.43 0.63
CA GLY C 29 6.05 3.12 1.86
C GLY C 29 4.79 3.62 2.55
N TYR C 30 4.88 3.66 3.87
CA TYR C 30 3.79 4.12 4.72
C TYR C 30 4.35 5.01 5.80
N ASP C 31 3.65 6.10 6.10
CA ASP C 31 4.02 6.89 7.28
C ASP C 31 2.82 7.62 7.84
N VAL C 32 2.86 7.92 9.13
CA VAL C 32 1.83 8.75 9.75
C VAL C 32 2.48 9.52 10.90
N HIS C 33 2.04 10.77 11.08
CA HIS C 33 2.49 11.58 12.20
C HIS C 33 1.30 12.27 12.83
N GLN C 34 1.41 12.53 14.14
CA GLN C 34 0.40 13.30 14.86
C GLN C 34 0.45 14.79 14.50
N LEU C 35 -0.72 15.43 14.48
CA LEU C 35 -0.79 16.89 14.31
C LEU C 35 -0.88 17.55 15.66
N VAL C 36 0.06 18.46 15.92
CA VAL C 36 0.22 19.09 17.23
C VAL C 36 0.38 20.61 17.10
N PRO C 37 -0.02 21.36 18.14
CA PRO C 37 0.16 22.82 18.13
C PRO C 37 1.63 23.22 18.18
N GLY C 38 1.94 24.43 17.73
CA GLY C 38 3.28 25.02 17.87
C GLY C 38 4.38 24.48 16.98
N ARG C 39 3.99 23.88 15.84
CA ARG C 39 4.94 23.42 14.85
C ARG C 39 4.42 23.73 13.45
N PRO C 40 5.32 24.04 12.50
CA PRO C 40 4.91 24.28 11.12
C PRO C 40 4.43 22.99 10.47
N LEU C 41 3.49 23.12 9.55
CA LEU C 41 3.03 22.00 8.76
C LEU C 41 3.81 21.95 7.47
N ILE C 42 4.66 20.93 7.34
CA ILE C 42 5.52 20.79 6.17
C ILE C 42 5.27 19.43 5.53
N ILE C 43 4.78 19.46 4.29
CA ILE C 43 4.45 18.23 3.54
C ILE C 43 5.04 18.35 2.14
N GLY C 44 5.81 17.35 1.71
CA GLY C 44 6.48 17.41 0.42
C GLY C 44 7.40 18.62 0.29
N GLY C 45 7.96 19.05 1.42
CA GLY C 45 8.87 20.20 1.45
C GLY C 45 8.17 21.54 1.44
N VAL C 46 6.84 21.52 1.39
CA VAL C 46 6.07 22.76 1.31
C VAL C 46 5.52 23.15 2.69
N THR C 47 5.84 24.36 3.14
CA THR C 47 5.24 24.88 4.37
C THR C 47 3.81 25.36 4.10
N ILE C 48 2.85 24.75 4.77
CA ILE C 48 1.45 25.03 4.51
C ILE C 48 0.84 25.74 5.72
N PRO C 49 0.25 26.93 5.51
CA PRO C 49 -0.39 27.64 6.62
C PRO C 49 -1.41 26.75 7.33
N TYR C 50 -1.27 26.62 8.65
CA TYR C 50 -2.16 25.75 9.44
C TYR C 50 -1.84 25.93 10.92
N GLU C 51 -2.84 25.73 11.77
CA GLU C 51 -2.70 25.98 13.20
C GLU C 51 -1.90 24.90 13.95
N ARG C 52 -1.70 23.76 13.28
CA ARG C 52 -0.93 22.65 13.84
C ARG C 52 0.08 22.17 12.82
N GLY C 53 1.04 21.38 13.28
CA GLY C 53 2.07 20.84 12.42
C GLY C 53 2.33 19.40 12.81
N LEU C 54 3.15 18.72 12.03
CA LEU C 54 3.42 17.30 12.31
C LEU C 54 4.54 17.12 13.33
N LEU C 55 4.32 16.18 14.24
CA LEU C 55 5.24 15.89 15.33
C LEU C 55 6.22 14.79 14.93
N GLY C 56 7.50 15.08 15.06
CA GLY C 56 8.54 14.09 14.73
C GLY C 56 9.89 14.66 15.10
N HIS C 57 10.93 13.84 14.98
CA HIS C 57 12.28 14.25 15.38
C HIS C 57 12.82 15.38 14.50
N SER C 58 12.49 15.37 13.21
CA SER C 58 12.86 16.45 12.29
C SER C 58 11.55 17.17 11.94
N ASP C 59 11.51 17.84 10.80
CA ASP C 59 10.28 18.47 10.30
C ASP C 59 9.07 17.55 10.14
N ALA C 60 9.28 16.26 10.36
CA ALA C 60 8.20 15.27 10.34
C ALA C 60 7.42 15.27 9.00
N ASP C 61 8.14 15.39 7.90
CA ASP C 61 7.48 15.45 6.60
C ASP C 61 7.00 14.05 6.21
N VAL C 62 5.74 13.78 6.52
CA VAL C 62 5.16 12.45 6.37
C VAL C 62 5.23 11.92 4.91
N LEU C 63 5.11 12.83 3.93
CA LEU C 63 5.11 12.44 2.54
C LEU C 63 6.52 12.05 2.11
N LEU C 64 7.50 12.89 2.44
CA LEU C 64 8.90 12.58 2.06
C LEU C 64 9.38 11.30 2.75
N HIS C 65 8.96 11.12 3.99
CA HIS C 65 9.30 9.86 4.70
C HIS C 65 8.71 8.62 4.03
N ALA C 66 7.45 8.68 3.63
CA ALA C 66 6.81 7.55 2.92
C ALA C 66 7.52 7.24 1.59
N ILE C 67 7.89 8.28 0.85
CA ILE C 67 8.61 8.10 -0.42
C ILE C 67 9.99 7.51 -0.16
N THR C 68 10.67 8.03 0.84
CA THR C 68 11.97 7.53 1.29
C THR C 68 11.90 6.03 1.61
N ASP C 69 10.90 5.62 2.39
CA ASP C 69 10.72 4.19 2.71
C ASP C 69 10.42 3.34 1.44
N ALA C 70 9.62 3.87 0.51
CA ALA C 70 9.35 3.15 -0.74
C ALA C 70 10.62 2.93 -1.56
N LEU C 71 11.49 3.95 -1.59
CA LEU C 71 12.75 3.84 -2.34
C LEU C 71 13.71 2.87 -1.68
N PHE C 72 13.87 2.98 -0.35
CA PHE C 72 14.68 1.98 0.35
C PHE C 72 14.12 0.57 0.14
N GLY C 73 12.78 0.45 0.15
CA GLY C 73 12.16 -0.86 -0.05
C GLY C 73 12.44 -1.46 -1.43
N ALA C 74 12.33 -0.63 -2.46
CA ALA C 74 12.51 -1.08 -3.83
C ALA C 74 13.95 -1.54 -4.06
N ALA C 75 14.89 -0.86 -3.43
CA ALA C 75 16.31 -1.24 -3.51
C ALA C 75 16.75 -2.31 -2.49
N ALA C 76 15.80 -2.79 -1.69
CA ALA C 76 16.05 -3.80 -0.64
C ALA C 76 17.15 -3.37 0.30
N LEU C 77 17.06 -2.11 0.69
CA LEU C 77 18.03 -1.48 1.60
C LEU C 77 17.51 -1.32 3.02
N GLY C 78 16.40 -1.97 3.35
CA GLY C 78 15.86 -1.86 4.72
C GLY C 78 14.82 -0.75 4.83
N ASP C 79 14.99 0.11 5.82
CA ASP C 79 13.99 1.17 6.02
C ASP C 79 14.62 2.46 6.58
N ILE C 80 13.82 3.51 6.67
CA ILE C 80 14.31 4.82 6.97
C ILE C 80 14.94 4.88 8.38
N GLY C 81 14.37 4.14 9.33
CA GLY C 81 14.87 4.15 10.70
C GLY C 81 16.19 3.42 10.84
N ARG C 82 16.46 2.52 9.91
CA ARG C 82 17.75 1.82 9.86
C ARG C 82 18.89 2.65 9.28
N HIS C 83 18.55 3.62 8.43
CA HIS C 83 19.54 4.50 7.80
C HIS C 83 19.81 5.78 8.58
N PHE C 84 18.77 6.34 9.16
CA PHE C 84 18.85 7.67 9.74
C PHE C 84 18.50 7.64 11.21
N SER C 85 19.54 7.83 11.98
CA SER C 85 19.50 7.92 13.41
C SER C 85 19.55 9.34 13.89
N ASP C 86 18.83 9.59 14.98
CA ASP C 86 18.78 10.83 15.71
C ASP C 86 20.17 11.20 16.17
N THR C 87 20.90 10.15 16.51
CA THR C 87 22.26 10.14 17.00
C THR C 87 23.37 10.58 16.07
N ASP C 88 23.23 10.19 14.81
CA ASP C 88 24.24 10.43 13.79
C ASP C 88 24.45 11.93 13.54
N PRO C 89 25.69 12.43 13.74
CA PRO C 89 26.02 13.85 13.55
C PRO C 89 25.66 14.41 12.17
N ARG C 90 25.78 13.60 11.13
CA ARG C 90 25.44 14.03 9.77
C ARG C 90 23.97 14.40 9.61
N PHE C 91 23.11 13.76 10.41
CA PHE C 91 21.65 13.84 10.21
C PHE C 91 20.88 14.47 11.38
N LYS C 92 21.59 14.87 12.43
CA LYS C 92 20.96 15.46 13.61
C LYS C 92 20.03 16.60 13.22
N GLY C 93 20.58 17.67 12.64
CA GLY C 93 19.79 18.83 12.24
C GLY C 93 19.24 18.79 10.83
N ALA C 94 19.14 17.59 10.23
CA ALA C 94 18.73 17.48 8.83
C ALA C 94 17.21 17.50 8.63
N ASP C 95 16.76 18.24 7.62
CA ASP C 95 15.34 18.25 7.29
C ASP C 95 15.05 17.07 6.36
N SER C 96 13.78 16.87 6.02
CA SER C 96 13.43 15.61 5.37
C SER C 96 13.84 15.58 3.91
N ARG C 97 14.13 16.76 3.37
CA ARG C 97 14.58 16.82 1.97
C ARG C 97 16.03 16.37 1.88
N ALA C 98 16.85 16.76 2.86
CA ALA C 98 18.22 16.26 2.93
C ALA C 98 18.22 14.74 3.08
N LEU C 99 17.30 14.22 3.90
CA LEU C 99 17.18 12.76 4.05
C LEU C 99 16.73 12.07 2.76
N LEU C 100 15.80 12.70 2.03
CA LEU C 100 15.36 12.13 0.76
C LEU C 100 16.51 12.12 -0.25
N ARG C 101 17.30 13.21 -0.29
CA ARG C 101 18.49 13.27 -1.16
C ARG C 101 19.49 12.18 -0.80
N GLU C 102 19.67 11.96 0.50
CA GLU C 102 20.61 10.93 0.96
C GLU C 102 20.11 9.53 0.59
N CYS C 103 18.80 9.33 0.75
CA CYS C 103 18.14 8.09 0.31
C CYS C 103 18.44 7.84 -1.17
N ALA C 104 18.21 8.84 -2.02
CA ALA C 104 18.50 8.73 -3.45
C ALA C 104 19.96 8.36 -3.73
N SER C 105 20.86 8.94 -2.93
CA SER C 105 22.28 8.63 -3.00
C SER C 105 22.52 7.15 -2.73
N ARG C 106 21.92 6.63 -1.67
CA ARG C 106 22.16 5.23 -1.27
C ARG C 106 21.54 4.24 -2.27
N VAL C 107 20.40 4.62 -2.84
CA VAL C 107 19.77 3.84 -3.90
C VAL C 107 20.68 3.75 -5.13
N ALA C 108 21.26 4.89 -5.51
CA ALA C 108 22.19 4.93 -6.63
C ALA C 108 23.44 4.09 -6.34
N GLN C 109 23.94 4.20 -5.10
CA GLN C 109 25.13 3.46 -4.65
C GLN C 109 24.92 1.94 -4.76
N ALA C 110 23.68 1.50 -4.55
CA ALA C 110 23.32 0.08 -4.62
C ALA C 110 23.14 -0.43 -6.06
N GLY C 111 23.23 0.48 -7.03
CA GLY C 111 23.16 0.14 -8.47
C GLY C 111 21.81 0.38 -9.13
N PHE C 112 20.92 1.09 -8.43
CA PHE C 112 19.58 1.34 -8.94
C PHE C 112 19.37 2.74 -9.47
N ALA C 113 18.50 2.82 -10.47
CA ALA C 113 18.05 4.09 -11.04
C ALA C 113 16.56 4.19 -10.76
N ILE C 114 16.10 5.37 -10.36
CA ILE C 114 14.67 5.56 -10.06
C ILE C 114 13.87 5.82 -11.35
N ARG C 115 12.78 5.08 -11.53
CA ARG C 115 11.91 5.26 -12.70
C ARG C 115 10.69 6.15 -12.48
N ASN C 116 9.96 5.93 -11.38
CA ASN C 116 8.85 6.82 -11.04
C ASN C 116 8.47 6.68 -9.58
N VAL C 117 7.82 7.72 -9.07
CA VAL C 117 7.26 7.74 -7.73
CA VAL C 117 7.23 7.69 -7.74
C VAL C 117 5.79 8.19 -7.79
N ASP C 118 4.93 7.51 -7.04
CA ASP C 118 3.53 7.93 -6.88
C ASP C 118 3.22 7.91 -5.40
N SER C 119 2.24 8.71 -4.99
CA SER C 119 1.97 8.84 -3.55
C SER C 119 0.58 9.41 -3.29
N THR C 120 0.11 9.22 -2.06
CA THR C 120 -1.15 9.79 -1.61
C THR C 120 -0.96 10.34 -0.21
N ILE C 121 -1.45 11.57 -0.01
CA ILE C 121 -1.50 12.15 1.34
C ILE C 121 -2.95 12.05 1.80
N ILE C 122 -3.16 11.52 3.01
CA ILE C 122 -4.51 11.50 3.59
C ILE C 122 -4.57 12.49 4.73
N ALA C 123 -5.30 13.58 4.49
CA ALA C 123 -5.45 14.64 5.47
C ALA C 123 -6.88 15.15 5.36
N GLN C 124 -7.59 15.19 6.47
CA GLN C 124 -8.92 15.77 6.48
C GLN C 124 -8.84 17.26 6.17
N ALA C 125 -7.81 17.91 6.72
CA ALA C 125 -7.54 19.32 6.55
C ALA C 125 -6.05 19.59 6.83
N PRO C 126 -5.49 20.72 6.32
CA PRO C 126 -6.07 21.73 5.46
C PRO C 126 -6.17 21.26 4.01
N LYS C 127 -6.66 22.14 3.14
CA LYS C 127 -6.73 21.91 1.70
C LYS C 127 -5.32 21.83 1.11
N LEU C 128 -5.01 20.72 0.44
CA LEU C 128 -3.67 20.47 -0.08
C LEU C 128 -3.50 20.79 -1.56
N ALA C 129 -4.62 20.81 -2.29
CA ALA C 129 -4.63 21.08 -3.73
C ALA C 129 -3.68 22.20 -4.23
N PRO C 130 -3.71 23.40 -3.59
CA PRO C 130 -2.88 24.52 -4.06
C PRO C 130 -1.37 24.29 -3.92
N HIS C 131 -0.99 23.24 -3.21
CA HIS C 131 0.41 22.99 -2.85
C HIS C 131 1.04 21.81 -3.57
N ILE C 132 0.23 21.04 -4.30
CA ILE C 132 0.65 19.73 -4.81
C ILE C 132 1.70 19.85 -5.92
N ASP C 133 1.53 20.81 -6.82
CA ASP C 133 2.52 20.98 -7.86
C ASP C 133 3.89 21.37 -7.28
N ALA C 134 3.90 22.19 -6.23
CA ALA C 134 5.15 22.56 -5.54
C ALA C 134 5.82 21.34 -4.89
N MET C 135 5.00 20.47 -4.28
CA MET C 135 5.51 19.21 -3.73
C MET C 135 6.19 18.36 -4.79
N ARG C 136 5.52 18.19 -5.93
CA ARG C 136 6.04 17.38 -7.04
C ARG C 136 7.38 17.96 -7.50
N ALA C 137 7.43 19.28 -7.62
CA ALA C 137 8.65 19.95 -8.09
C ALA C 137 9.81 19.70 -7.11
N ASN C 138 9.51 19.78 -5.80
CA ASN C 138 10.51 19.54 -4.77
C ASN C 138 11.06 18.10 -4.82
N ILE C 139 10.14 17.14 -4.91
CA ILE C 139 10.50 15.72 -4.97
C ILE C 139 11.34 15.43 -6.21
N ALA C 140 10.91 15.96 -7.35
CA ALA C 140 11.64 15.81 -8.61
C ALA C 140 13.07 16.36 -8.53
N ALA C 141 13.23 17.54 -7.92
CA ALA C 141 14.56 18.14 -7.75
C ALA C 141 15.42 17.25 -6.86
N ASP C 142 14.88 16.83 -5.73
CA ASP C 142 15.61 16.00 -4.79
C ASP C 142 16.03 14.64 -5.33
N LEU C 143 15.20 14.05 -6.17
CA LEU C 143 15.47 12.76 -6.79
C LEU C 143 16.16 12.85 -8.16
N ASP C 144 16.41 14.06 -8.63
CA ASP C 144 16.99 14.27 -9.97
C ASP C 144 16.14 13.54 -11.02
N LEU C 145 14.84 13.78 -10.96
CA LEU C 145 13.87 13.20 -11.89
C LEU C 145 13.11 14.29 -12.65
N PRO C 146 12.67 13.97 -13.88
CA PRO C 146 11.75 14.85 -14.58
C PRO C 146 10.41 14.89 -13.86
N LEU C 147 9.71 16.02 -13.96
CA LEU C 147 8.44 16.22 -13.29
C LEU C 147 7.41 15.11 -13.64
N ASP C 148 7.47 14.61 -14.87
CA ASP C 148 6.47 13.65 -15.35
C ASP C 148 6.70 12.23 -14.82
N ARG C 149 7.65 12.07 -13.90
CA ARG C 149 7.91 10.78 -13.28
C ARG C 149 7.64 10.83 -11.78
N VAL C 150 7.04 11.93 -11.34
CA VAL C 150 6.72 12.15 -9.93
C VAL C 150 5.25 12.54 -9.80
N ASN C 151 4.55 11.90 -8.86
CA ASN C 151 3.15 12.21 -8.66
C ASN C 151 2.75 12.23 -7.20
N VAL C 152 1.86 13.17 -6.86
CA VAL C 152 1.33 13.32 -5.51
C VAL C 152 -0.19 13.53 -5.56
N LYS C 153 -0.90 12.68 -4.83
CA LYS C 153 -2.36 12.72 -4.75
C LYS C 153 -2.77 13.02 -3.32
N ALA C 154 -4.00 13.53 -3.13
CA ALA C 154 -4.51 13.81 -1.79
C ALA C 154 -5.92 13.29 -1.61
N LYS C 155 -6.24 12.90 -0.38
CA LYS C 155 -7.55 12.34 -0.02
C LYS C 155 -7.91 12.82 1.38
N THR C 156 -9.20 13.02 1.67
CA THR C 156 -9.62 13.11 3.06
C THR C 156 -9.90 11.70 3.57
N ASN C 157 -10.20 11.56 4.85
CA ASN C 157 -10.60 10.24 5.35
C ASN C 157 -12.09 10.13 5.62
N GLU C 158 -12.89 11.01 5.00
CA GLU C 158 -14.34 10.97 5.14
C GLU C 158 -14.77 10.99 6.61
N LYS C 159 -14.07 11.81 7.39
CA LYS C 159 -14.32 11.99 8.82
C LYS C 159 -14.25 10.71 9.68
N LEU C 160 -13.61 9.65 9.16
CA LEU C 160 -13.47 8.41 9.89
C LEU C 160 -12.14 8.31 10.61
N GLY C 161 -12.19 7.82 11.84
CA GLY C 161 -10.98 7.50 12.61
C GLY C 161 -10.15 8.71 13.00
N TYR C 162 -8.92 8.46 13.45
CA TYR C 162 -8.02 9.55 13.87
C TYR C 162 -7.69 10.50 12.72
N LEU C 163 -7.56 9.97 11.50
CA LEU C 163 -7.30 10.85 10.36
C LEU C 163 -8.49 11.77 10.15
N GLY C 164 -9.69 11.19 10.24
CA GLY C 164 -10.93 11.93 10.01
C GLY C 164 -11.19 12.97 11.08
N ARG C 165 -10.65 12.74 12.28
CA ARG C 165 -10.78 13.70 13.37
C ARG C 165 -9.66 14.74 13.37
N GLY C 166 -8.77 14.65 12.39
CA GLY C 166 -7.67 15.62 12.25
C GLY C 166 -6.57 15.46 13.28
N GLU C 167 -6.40 14.24 13.78
CA GLU C 167 -5.39 13.95 14.80
C GLU C 167 -4.01 13.61 14.22
N GLY C 168 -3.98 13.25 12.96
CA GLY C 168 -2.73 12.93 12.28
C GLY C 168 -2.89 13.06 10.77
N ILE C 169 -1.79 12.90 10.05
CA ILE C 169 -1.85 12.86 8.59
C ILE C 169 -0.99 11.69 8.15
N GLU C 170 -1.51 10.90 7.20
CA GLU C 170 -0.84 9.70 6.68
C GLU C 170 -0.32 9.98 5.27
N ALA C 171 0.76 9.32 4.88
CA ALA C 171 1.17 9.28 3.47
C ALA C 171 1.46 7.84 3.05
N GLN C 172 1.15 7.54 1.79
CA GLN C 172 1.44 6.25 1.17
C GLN C 172 2.26 6.55 -0.06
N ALA C 173 3.23 5.68 -0.38
CA ALA C 173 4.02 5.88 -1.57
C ALA C 173 4.34 4.57 -2.27
N ALA C 174 4.56 4.67 -3.58
CA ALA C 174 5.01 3.54 -4.39
C ALA C 174 6.16 4.05 -5.25
N ALA C 175 7.19 3.23 -5.42
CA ALA C 175 8.35 3.59 -6.24
C ALA C 175 8.77 2.43 -7.12
N LEU C 176 9.10 2.73 -8.37
CA LEU C 176 9.68 1.76 -9.26
C LEU C 176 11.12 2.14 -9.56
N VAL C 177 12.04 1.19 -9.44
CA VAL C 177 13.45 1.41 -9.78
C VAL C 177 13.92 0.31 -10.72
N VAL C 178 15.11 0.48 -11.30
CA VAL C 178 15.69 -0.56 -12.12
C VAL C 178 17.18 -0.68 -11.81
N ARG C 179 17.68 -1.91 -11.74
CA ARG C 179 19.11 -2.15 -11.56
C ARG C 179 19.79 -2.15 -12.91
N GLU C 180 20.66 -1.16 -13.10
CA GLU C 180 21.30 -0.86 -14.40
C GLU C 180 22.57 -1.67 -14.70
#